data_6MAK
#
_entry.id   6MAK
#
_cell.length_a   87.628
_cell.length_b   39.026
_cell.length_c   107.765
_cell.angle_alpha   90.00
_cell.angle_beta   99.59
_cell.angle_gamma   90.00
#
_symmetry.space_group_name_H-M   'I 1 2 1'
#
loop_
_entity.id
_entity.type
_entity.pdbx_description
1 polymer 'Histone acetyltransferase KAT7'
2 polymer 'BRD1 protein'
3 non-polymer 'ZINC ION'
4 non-polymer 'ACETYL COENZYME *A'
5 water water
#
loop_
_entity_poly.entity_id
_entity_poly.type
_entity_poly.pdbx_seq_one_letter_code
_entity_poly.pdbx_strand_id
1 'polypeptide(L)'
;MGSMIKTIAFGRYELDTWYHSPYPEEYARLGRLYMCEFCLKYMKSQTILRRHMAKCVWKHPPGDEIYRKGSISVFEVDGK
KNKIYCQNLCLLAKLFLDH(ALY)TLYYDVEPFLFYVMTEADNTGCHLIGYFSKEKNSFLNYNVSCILTMPQYMRQGYGK
MLIDFSYLLSKVEEKVGSPERPLSDLGLISYRSYWKEVLLRYLHNFQGKEISIKEISQETAVNPVDIVSTLQALQMLKYW
KGKHLVLKRQDLIDEWIAKEAKRSNSNKTMDPSCLKWTPPKAS
;
A
2 'polypeptide(L)' GSLTYAQAQGMVEIEIEGRLHRISIFDPLEIILEDDLTAQEMSECNSNKENS B
#
# COMPACT_ATOMS: atom_id res chain seq x y z
N MET A 4 21.73 7.20 16.88
CA MET A 4 21.61 5.72 16.84
C MET A 4 20.41 5.27 17.68
N ILE A 5 19.20 5.65 17.24
CA ILE A 5 17.94 5.34 17.93
C ILE A 5 17.69 3.83 17.84
N LYS A 6 17.55 3.17 18.97
CA LYS A 6 17.32 1.74 18.99
C LYS A 6 15.82 1.47 19.12
N THR A 7 15.12 2.27 19.94
CA THR A 7 13.77 2.01 20.38
C THR A 7 12.96 3.31 20.40
N ILE A 8 11.63 3.19 20.29
CA ILE A 8 10.70 4.30 20.48
C ILE A 8 9.52 3.82 21.33
N ALA A 9 9.04 4.74 22.18
CA ALA A 9 7.81 4.55 22.91
C ALA A 9 6.70 5.27 22.15
N PHE A 10 5.72 4.50 21.70
CA PHE A 10 4.66 5.00 20.82
C PHE A 10 3.33 4.51 21.37
N GLY A 11 2.61 5.39 22.09
CA GLY A 11 1.41 4.99 22.83
C GLY A 11 1.77 3.95 23.90
N ARG A 12 1.18 2.76 23.79
CA ARG A 12 1.39 1.68 24.75
C ARG A 12 2.42 0.67 24.23
N TYR A 13 3.06 0.96 23.08
CA TYR A 13 3.99 0.00 22.47
C TYR A 13 5.41 0.52 22.60
N GLU A 14 6.35 -0.43 22.65
CA GLU A 14 7.77 -0.15 22.63
C GLU A 14 8.34 -0.87 21.42
N LEU A 15 8.85 -0.10 20.45
CA LEU A 15 9.20 -0.65 19.15
C LEU A 15 10.72 -0.55 18.93
N ASP A 16 11.32 -1.67 18.51
CA ASP A 16 12.69 -1.65 18.00
C ASP A 16 12.68 -1.01 16.61
N THR A 17 13.63 -0.11 16.37
CA THR A 17 13.82 0.53 15.06
C THR A 17 14.64 -0.39 14.14
N TRP A 18 14.53 -0.19 12.83
CA TRP A 18 15.20 -1.04 11.86
C TRP A 18 16.39 -0.30 11.23
N TYR A 19 16.21 0.99 10.93
CA TYR A 19 17.16 1.76 10.15
C TYR A 19 17.40 3.11 10.83
N HIS A 20 18.46 3.79 10.39
CA HIS A 20 18.77 5.15 10.79
C HIS A 20 17.74 6.11 10.19
N SER A 21 17.29 7.06 11.00
CA SER A 21 16.48 8.21 10.58
C SER A 21 17.14 9.49 11.06
N PRO A 22 17.16 10.58 10.27
CA PRO A 22 17.96 11.76 10.62
C PRO A 22 17.30 12.71 11.63
N TYR A 23 17.00 12.19 12.82
CA TYR A 23 16.53 12.99 13.92
C TYR A 23 17.69 13.84 14.44
N PRO A 24 17.43 15.07 14.95
CA PRO A 24 18.49 15.89 15.53
C PRO A 24 19.34 15.07 16.51
N GLU A 25 20.64 15.40 16.54
CA GLU A 25 21.69 14.61 17.19
C GLU A 25 21.40 14.42 18.68
N GLU A 26 20.96 15.50 19.35
CA GLU A 26 20.76 15.47 20.81
C GLU A 26 19.54 14.63 21.19
N TYR A 27 18.71 14.26 20.20
CA TYR A 27 17.69 13.22 20.35
C TYR A 27 18.29 11.86 20.00
N ALA A 28 19.01 11.81 18.87
CA ALA A 28 19.59 10.60 18.31
C ALA A 28 20.47 9.87 19.32
N ARG A 29 21.23 10.64 20.12
CA ARG A 29 22.31 10.07 20.94
C ARG A 29 21.73 9.40 22.20
N LEU A 30 20.47 9.70 22.53
CA LEU A 30 19.78 9.02 23.64
C LEU A 30 19.52 7.56 23.28
N GLY A 31 19.32 7.29 21.98
CA GLY A 31 19.00 5.96 21.47
C GLY A 31 17.58 5.54 21.82
N ARG A 32 16.78 6.54 22.22
CA ARG A 32 15.46 6.36 22.79
C ARG A 32 14.66 7.64 22.57
N LEU A 33 13.57 7.53 21.78
CA LEU A 33 12.65 8.64 21.55
C LEU A 33 11.28 8.30 22.15
N TYR A 34 10.64 9.31 22.71
CA TYR A 34 9.25 9.23 23.16
C TYR A 34 8.40 10.04 22.18
N MET A 35 7.41 9.38 21.58
CA MET A 35 6.61 10.02 20.54
C MET A 35 5.17 10.21 20.99
N CYS A 36 4.60 11.38 20.69
CA CYS A 36 3.18 11.57 20.85
C CYS A 36 2.46 10.77 19.76
N GLU A 37 1.51 9.92 20.15
CA GLU A 37 0.94 9.00 19.18
C GLU A 37 -0.06 9.71 18.28
N PHE A 38 -0.41 10.96 18.60
CA PHE A 38 -1.44 11.71 17.88
C PHE A 38 -0.83 12.80 16.98
N CYS A 39 0.09 13.62 17.50
CA CYS A 39 0.70 14.67 16.70
C CYS A 39 2.09 14.25 16.19
N LEU A 40 2.64 13.17 16.74
CA LEU A 40 3.90 12.54 16.27
C LEU A 40 5.13 13.39 16.65
N LYS A 41 4.97 14.34 17.57
CA LYS A 41 6.10 15.07 18.16
C LYS A 41 6.97 14.08 18.95
N TYR A 42 8.29 14.23 18.83
CA TYR A 42 9.26 13.37 19.52
C TYR A 42 9.89 14.15 20.69
N MET A 43 10.07 13.47 21.82
CA MET A 43 10.55 14.03 23.10
C MET A 43 11.54 13.04 23.72
N LYS A 44 12.24 13.47 24.79
CA LYS A 44 13.45 12.73 25.23
C LYS A 44 13.17 11.85 26.45
N SER A 45 12.05 12.06 27.15
CA SER A 45 11.74 11.23 28.33
C SER A 45 10.24 10.98 28.49
N GLN A 46 9.94 9.97 29.30
CA GLN A 46 8.60 9.57 29.69
C GLN A 46 7.88 10.76 30.34
N THR A 47 8.60 11.51 31.19
CA THR A 47 7.99 12.59 32.00
C THR A 47 7.62 13.76 31.08
N ILE A 48 8.53 14.11 30.17
CA ILE A 48 8.22 15.14 29.16
C ILE A 48 7.04 14.68 28.28
N LEU A 49 7.01 13.37 27.94
CA LEU A 49 5.91 12.84 27.12
C LEU A 49 4.58 13.04 27.86
N ARG A 50 4.57 12.70 29.15
CA ARG A 50 3.38 12.77 30.01
C ARG A 50 2.84 14.21 30.10
N ARG A 51 3.75 15.17 30.24
CA ARG A 51 3.41 16.59 30.27
C ARG A 51 2.74 16.99 28.94
N HIS A 52 3.31 16.54 27.83
CA HIS A 52 2.82 16.87 26.49
C HIS A 52 1.38 16.36 26.31
N MET A 53 1.13 15.11 26.75
CA MET A 53 -0.17 14.45 26.54
C MET A 53 -1.30 15.22 27.24
N ALA A 54 -0.98 15.91 28.34
CA ALA A 54 -1.98 16.67 29.09
C ALA A 54 -2.43 17.90 28.30
N LYS A 55 -1.54 18.44 27.46
CA LYS A 55 -1.76 19.69 26.71
C LYS A 55 -2.25 19.43 25.29
N CYS A 56 -1.76 18.34 24.67
CA CYS A 56 -2.02 18.01 23.26
C CYS A 56 -3.52 17.74 23.05
N VAL A 57 -4.11 18.42 22.08
CA VAL A 57 -5.57 18.37 21.84
C VAL A 57 -5.91 17.29 20.81
N TRP A 58 -4.93 16.91 19.98
CA TRP A 58 -5.08 16.01 18.84
C TRP A 58 -5.45 14.59 19.30
N LYS A 59 -6.53 14.05 18.74
CA LYS A 59 -7.03 12.69 19.00
C LYS A 59 -7.04 11.86 17.71
N HIS A 60 -6.46 12.41 16.65
CA HIS A 60 -6.45 11.80 15.32
C HIS A 60 -5.54 12.60 14.41
N PRO A 61 -5.19 12.10 13.20
CA PRO A 61 -4.39 12.87 12.26
C PRO A 61 -5.10 14.17 11.88
N PRO A 62 -4.36 15.18 11.37
CA PRO A 62 -4.99 16.36 10.76
C PRO A 62 -5.59 15.98 9.39
N GLY A 63 -5.97 16.97 8.58
CA GLY A 63 -6.57 16.72 7.26
C GLY A 63 -7.99 16.20 7.34
N ASP A 64 -8.48 15.69 6.21
CA ASP A 64 -9.86 15.25 6.06
C ASP A 64 -9.97 13.73 6.19
N GLU A 65 -10.99 13.29 6.91
CA GLU A 65 -11.37 11.91 7.01
C GLU A 65 -12.13 11.52 5.73
N ILE A 66 -11.47 10.82 4.81
CA ILE A 66 -12.06 10.52 3.51
C ILE A 66 -12.56 9.07 3.47
N TYR A 67 -12.18 8.26 4.47
CA TYR A 67 -12.69 6.91 4.60
C TYR A 67 -13.04 6.66 6.07
N ARG A 68 -14.15 5.94 6.27
CA ARG A 68 -14.58 5.57 7.58
C ARG A 68 -15.46 4.33 7.45
N LYS A 69 -14.99 3.21 8.02
CA LYS A 69 -15.83 2.05 8.21
C LYS A 69 -15.61 1.61 9.65
N GLY A 70 -16.58 1.95 10.49
CA GLY A 70 -16.50 1.72 11.91
C GLY A 70 -15.28 2.40 12.51
N SER A 71 -14.43 1.61 13.18
CA SER A 71 -13.21 2.03 13.85
C SER A 71 -12.02 2.28 12.89
N ILE A 72 -12.13 1.91 11.62
CA ILE A 72 -11.03 2.12 10.61
C ILE A 72 -11.30 3.42 9.84
N SER A 73 -10.34 4.34 9.86
CA SER A 73 -10.42 5.57 9.09
C SER A 73 -9.20 5.71 8.17
N VAL A 74 -9.33 6.58 7.15
CA VAL A 74 -8.19 7.10 6.43
C VAL A 74 -8.35 8.61 6.38
N PHE A 75 -7.30 9.33 6.79
CA PHE A 75 -7.22 10.78 6.77
C PHE A 75 -6.30 11.18 5.63
N GLU A 76 -6.73 12.18 4.85
CA GLU A 76 -5.92 12.76 3.79
C GLU A 76 -5.25 14.03 4.33
N VAL A 77 -3.92 13.99 4.45
CA VAL A 77 -3.16 15.07 5.02
C VAL A 77 -2.27 15.66 3.94
N ASP A 78 -2.36 16.99 3.83
CA ASP A 78 -1.68 17.79 2.84
C ASP A 78 -0.33 18.20 3.44
N GLY A 79 0.74 17.80 2.76
CA GLY A 79 2.10 18.10 3.16
C GLY A 79 2.34 19.58 3.39
N LYS A 80 1.64 20.44 2.62
CA LYS A 80 1.80 21.90 2.70
C LYS A 80 1.04 22.44 3.92
N LYS A 81 -0.23 22.04 4.08
CA LYS A 81 -1.09 22.54 5.15
C LYS A 81 -0.65 22.02 6.53
N ASN A 82 -0.02 20.83 6.60
CA ASN A 82 0.33 20.23 7.88
C ASN A 82 1.77 19.72 7.81
N LYS A 83 2.69 20.66 7.56
CA LYS A 83 4.11 20.39 7.31
C LYS A 83 4.73 19.61 8.48
N ILE A 84 4.51 20.11 9.69
CA ILE A 84 5.15 19.61 10.91
C ILE A 84 4.79 18.12 11.08
N TYR A 85 3.48 17.84 11.03
CA TYR A 85 2.97 16.47 11.17
C TYR A 85 3.59 15.56 10.10
N CYS A 86 3.60 16.02 8.85
CA CYS A 86 4.06 15.17 7.74
C CYS A 86 5.56 14.86 7.83
N GLN A 87 6.36 15.83 8.31
CA GLN A 87 7.81 15.62 8.53
C GLN A 87 8.04 14.56 9.60
N ASN A 88 7.37 14.72 10.75
CA ASN A 88 7.45 13.78 11.90
C ASN A 88 7.11 12.36 11.45
N LEU A 89 6.05 12.25 10.65
CA LEU A 89 5.63 10.99 10.05
C LEU A 89 6.73 10.42 9.14
N CYS A 90 7.39 11.28 8.37
CA CYS A 90 8.45 10.84 7.44
C CYS A 90 9.69 10.40 8.21
N LEU A 91 10.02 11.13 9.29
CA LEU A 91 11.14 10.76 10.12
C LEU A 91 10.85 9.42 10.80
N LEU A 92 9.59 9.22 11.22
CA LEU A 92 9.16 7.99 11.91
C LEU A 92 9.21 6.81 10.94
N ALA A 93 8.77 7.06 9.69
CA ALA A 93 8.70 6.04 8.65
C ALA A 93 10.11 5.54 8.30
N LYS A 94 11.07 6.47 8.22
CA LYS A 94 12.44 6.16 7.77
C LYS A 94 13.15 5.26 8.79
N LEU A 95 12.59 5.15 10.01
CA LEU A 95 13.08 4.19 10.99
C LEU A 95 12.79 2.75 10.54
N PHE A 96 11.86 2.59 9.60
CA PHE A 96 11.41 1.28 9.14
C PHE A 96 11.58 1.10 7.63
N LEU A 97 12.03 2.15 6.93
CA LEU A 97 12.25 2.13 5.48
C LEU A 97 13.73 2.34 5.18
N ASP A 98 14.30 1.43 4.39
CA ASP A 98 15.68 1.50 3.96
C ASP A 98 15.84 2.60 2.92
N HIS A 99 14.80 2.78 2.11
CA HIS A 99 14.91 3.41 0.81
C HIS A 99 14.28 4.80 0.76
N THR A 101 13.64 8.35 0.53
CA THR A 101 14.58 9.41 0.19
C THR A 101 14.41 10.58 1.18
N LEU A 102 13.23 11.20 1.13
CA LEU A 102 13.03 12.56 1.64
C LEU A 102 12.16 12.56 2.89
N TYR A 103 12.35 13.61 3.70
CA TYR A 103 11.71 13.76 5.01
C TYR A 103 11.26 15.21 5.27
N TYR A 104 11.94 16.19 4.65
CA TYR A 104 11.79 17.61 5.01
C TYR A 104 10.90 18.32 4.00
N ASP A 105 11.14 18.09 2.69
CA ASP A 105 10.36 18.71 1.62
C ASP A 105 9.08 17.88 1.38
N VAL A 106 8.07 18.07 2.22
CA VAL A 106 6.85 17.24 2.17
C VAL A 106 5.69 18.02 1.50
N GLU A 107 5.91 19.28 1.15
CA GLU A 107 4.86 20.15 0.59
C GLU A 107 4.25 19.54 -0.66
N PRO A 108 5.04 18.92 -1.58
CA PRO A 108 4.47 18.33 -2.80
C PRO A 108 3.66 17.03 -2.61
N PHE A 109 3.46 16.58 -1.36
CA PHE A 109 2.93 15.25 -1.08
C PHE A 109 1.60 15.31 -0.34
N LEU A 110 0.79 14.30 -0.63
CA LEU A 110 -0.36 13.93 0.13
C LEU A 110 0.01 12.70 0.96
N PHE A 111 -0.54 12.62 2.17
CA PHE A 111 -0.30 11.51 3.07
C PHE A 111 -1.63 10.86 3.42
N TYR A 112 -1.78 9.57 3.13
CA TYR A 112 -2.99 8.86 3.50
C TYR A 112 -2.71 8.01 4.74
N VAL A 113 -3.29 8.41 5.88
CA VAL A 113 -2.97 7.91 7.20
C VAL A 113 -4.16 7.09 7.72
N MET A 114 -3.92 5.80 7.92
CA MET A 114 -4.95 4.87 8.30
C MET A 114 -4.88 4.69 9.81
N THR A 115 -6.04 4.77 10.48
CA THR A 115 -6.15 4.73 11.92
C THR A 115 -7.21 3.71 12.36
N GLU A 116 -7.08 3.24 13.60
CA GLU A 116 -8.01 2.37 14.28
C GLU A 116 -8.45 3.04 15.58
N ALA A 117 -9.76 3.20 15.74
CA ALA A 117 -10.31 3.93 16.87
C ALA A 117 -10.60 2.95 18.02
N ASP A 118 -10.26 3.39 19.23
CA ASP A 118 -10.78 2.83 20.45
C ASP A 118 -11.18 4.03 21.32
N ASN A 119 -11.37 3.83 22.62
CA ASN A 119 -12.01 4.84 23.49
C ASN A 119 -11.09 6.06 23.72
N THR A 120 -9.78 5.95 23.49
CA THR A 120 -8.86 7.07 23.79
C THR A 120 -8.61 7.91 22.54
N GLY A 121 -8.86 7.35 21.36
CA GLY A 121 -8.76 8.11 20.09
C GLY A 121 -8.51 7.21 18.91
N CYS A 122 -8.09 7.83 17.80
CA CYS A 122 -7.79 7.17 16.53
C CYS A 122 -6.28 6.93 16.42
N HIS A 123 -5.85 5.68 16.64
CA HIS A 123 -4.43 5.30 16.67
C HIS A 123 -3.90 4.98 15.26
N LEU A 124 -2.66 5.41 15.00
CA LEU A 124 -1.94 5.16 13.76
C LEU A 124 -1.74 3.66 13.49
N ILE A 125 -2.22 3.19 12.34
CA ILE A 125 -1.92 1.87 11.84
C ILE A 125 -0.74 1.90 10.85
N GLY A 126 -0.80 2.85 9.91
CA GLY A 126 0.08 2.90 8.77
C GLY A 126 -0.30 4.07 7.86
N TYR A 127 0.47 4.23 6.78
CA TYR A 127 0.22 5.32 5.88
C TYR A 127 0.86 5.00 4.53
N PHE A 128 0.43 5.75 3.51
CA PHE A 128 1.20 5.88 2.30
C PHE A 128 1.19 7.35 1.88
N SER A 129 2.33 7.76 1.34
CA SER A 129 2.48 9.05 0.75
C SER A 129 2.24 8.94 -0.77
N LYS A 130 1.88 10.06 -1.40
CA LYS A 130 1.53 10.18 -2.79
C LYS A 130 1.91 11.60 -3.28
N GLU A 131 2.64 11.68 -4.38
CA GLU A 131 2.91 12.96 -5.05
C GLU A 131 1.57 13.59 -5.47
N LYS A 132 1.40 14.88 -5.21
CA LYS A 132 0.23 15.65 -5.70
C LYS A 132 0.14 15.55 -7.23
N ASN A 133 1.30 15.64 -7.90
CA ASN A 133 1.44 15.54 -9.36
C ASN A 133 2.70 14.75 -9.68
N SER A 134 2.52 13.47 -10.02
CA SER A 134 3.61 12.56 -10.33
C SER A 134 3.81 12.51 -11.85
N PHE A 135 5.04 12.81 -12.30
CA PHE A 135 5.40 12.71 -13.71
C PHE A 135 5.15 11.28 -14.21
N LEU A 136 5.43 10.27 -13.37
CA LEU A 136 5.40 8.84 -13.75
C LEU A 136 4.09 8.15 -13.28
N ASN A 137 3.08 8.91 -12.87
CA ASN A 137 1.76 8.36 -12.45
C ASN A 137 1.94 7.28 -11.35
N TYR A 138 2.89 7.52 -10.43
CA TYR A 138 3.00 6.68 -9.25
C TYR A 138 1.86 7.03 -8.30
N ASN A 139 1.12 6.02 -7.85
CA ASN A 139 -0.02 6.24 -6.95
C ASN A 139 0.36 5.99 -5.48
N VAL A 140 1.60 5.55 -5.26
CA VAL A 140 2.19 5.43 -3.95
C VAL A 140 3.66 5.82 -4.08
N SER A 141 4.14 6.65 -3.14
CA SER A 141 5.58 7.00 -3.02
C SER A 141 6.27 6.09 -1.99
N CYS A 142 5.87 6.16 -0.71
CA CYS A 142 6.25 5.16 0.33
C CYS A 142 4.99 4.64 1.03
N ILE A 143 5.03 3.38 1.48
CA ILE A 143 3.93 2.74 2.21
C ILE A 143 4.54 2.04 3.43
N LEU A 144 3.82 2.11 4.56
CA LEU A 144 4.26 1.54 5.85
C LEU A 144 3.05 1.13 6.71
N THR A 145 3.15 -0.08 7.26
CA THR A 145 2.36 -0.51 8.40
C THR A 145 3.27 -0.42 9.64
N MET A 146 2.80 0.24 10.69
CA MET A 146 3.58 0.30 11.92
C MET A 146 3.86 -1.13 12.39
N PRO A 147 5.09 -1.43 12.89
CA PRO A 147 5.48 -2.78 13.27
C PRO A 147 4.49 -3.58 14.13
N GLN A 148 3.90 -2.94 15.13
CA GLN A 148 2.90 -3.58 16.01
C GLN A 148 1.67 -4.09 15.22
N TYR A 149 1.51 -3.65 13.98
CA TYR A 149 0.30 -3.97 13.21
C TYR A 149 0.64 -4.86 12.01
N MET A 150 1.93 -5.20 11.82
CA MET A 150 2.40 -5.87 10.61
C MET A 150 1.80 -7.29 10.51
N ARG A 151 1.58 -7.71 9.27
CA ARG A 151 1.14 -9.06 8.91
C ARG A 151 -0.25 -9.40 9.51
N GLN A 152 -1.13 -8.41 9.66
CA GLN A 152 -2.52 -8.63 10.13
C GLN A 152 -3.53 -8.24 9.04
N GLY A 153 -3.06 -7.84 7.86
CA GLY A 153 -3.91 -7.53 6.71
C GLY A 153 -4.07 -6.03 6.44
N TYR A 154 -3.42 -5.19 7.24
CA TYR A 154 -3.61 -3.74 7.13
C TYR A 154 -2.87 -3.19 5.90
N GLY A 155 -1.69 -3.75 5.64
CA GLY A 155 -0.87 -3.36 4.52
C GLY A 155 -1.59 -3.53 3.20
N LYS A 156 -2.23 -4.68 3.00
CA LYS A 156 -3.00 -4.96 1.80
C LYS A 156 -4.23 -4.03 1.70
N MET A 157 -4.82 -3.68 2.85
CA MET A 157 -5.90 -2.70 2.87
C MET A 157 -5.38 -1.32 2.41
N LEU A 158 -4.20 -0.91 2.87
CA LEU A 158 -3.61 0.36 2.42
C LEU A 158 -3.36 0.30 0.91
N ILE A 159 -2.79 -0.81 0.42
CA ILE A 159 -2.51 -0.94 -1.01
C ILE A 159 -3.82 -0.88 -1.79
N ASP A 160 -4.82 -1.63 -1.32
CA ASP A 160 -6.14 -1.63 -1.96
C ASP A 160 -6.69 -0.19 -2.01
N PHE A 161 -6.51 0.55 -0.91
CA PHE A 161 -6.98 1.90 -0.84
C PHE A 161 -6.28 2.76 -1.89
N SER A 162 -4.97 2.54 -2.11
CA SER A 162 -4.21 3.38 -3.08
C SER A 162 -4.81 3.24 -4.48
N TYR A 163 -5.25 2.02 -4.80
CA TYR A 163 -5.82 1.71 -6.10
C TYR A 163 -7.28 2.19 -6.19
N LEU A 164 -8.01 2.18 -5.07
CA LEU A 164 -9.35 2.78 -5.05
C LEU A 164 -9.27 4.26 -5.43
N LEU A 165 -8.29 4.98 -4.89
CA LEU A 165 -8.09 6.40 -5.28
C LEU A 165 -7.86 6.51 -6.79
N SER A 166 -6.97 5.68 -7.34
CA SER A 166 -6.66 5.68 -8.76
C SER A 166 -7.92 5.43 -9.61
N LYS A 167 -8.69 4.39 -9.29
CA LYS A 167 -10.00 4.12 -9.93
C LYS A 167 -10.83 5.42 -10.02
N VAL A 168 -10.98 6.12 -8.90
CA VAL A 168 -11.87 7.31 -8.81
C VAL A 168 -11.24 8.51 -9.56
N GLU A 169 -9.91 8.59 -9.60
CA GLU A 169 -9.23 9.58 -10.42
C GLU A 169 -9.34 9.25 -11.92
N GLU A 170 -9.77 8.03 -12.25
CA GLU A 170 -9.76 7.47 -13.62
C GLU A 170 -8.33 7.47 -14.17
N LYS A 171 -7.41 6.91 -13.37
CA LYS A 171 -6.00 6.69 -13.75
C LYS A 171 -5.64 5.23 -13.46
N VAL A 172 -4.53 4.77 -14.04
CA VAL A 172 -3.86 3.56 -13.63
C VAL A 172 -2.65 4.00 -12.81
N GLY A 173 -2.20 3.11 -11.92
CA GLY A 173 -1.19 3.45 -10.95
C GLY A 173 -0.23 2.31 -10.71
N SER A 174 0.87 2.67 -10.07
CA SER A 174 1.90 1.75 -9.68
C SER A 174 2.64 2.34 -8.48
N PRO A 175 3.20 1.51 -7.58
CA PRO A 175 4.08 2.02 -6.54
C PRO A 175 5.42 2.55 -7.12
N GLU A 176 5.90 3.67 -6.56
CA GLU A 176 7.17 4.29 -6.94
C GLU A 176 8.31 3.29 -6.74
N ARG A 177 9.11 3.12 -7.80
CA ARG A 177 10.38 2.39 -7.77
C ARG A 177 11.42 3.23 -7.02
N PRO A 178 12.32 2.57 -6.27
CA PRO A 178 12.38 1.12 -6.15
C PRO A 178 11.45 0.58 -5.05
N LEU A 179 11.02 -0.67 -5.22
CA LEU A 179 10.19 -1.38 -4.25
C LEU A 179 11.11 -2.13 -3.29
N SER A 180 10.90 -1.94 -1.98
CA SER A 180 11.59 -2.71 -0.95
C SER A 180 11.19 -4.18 -1.08
N ASP A 181 11.98 -5.07 -0.44
CA ASP A 181 11.70 -6.50 -0.44
C ASP A 181 10.27 -6.77 0.06
N LEU A 182 9.92 -6.23 1.23
CA LEU A 182 8.57 -6.50 1.82
C LEU A 182 7.49 -5.82 0.95
N GLY A 183 7.81 -4.63 0.43
CA GLY A 183 6.97 -3.96 -0.53
C GLY A 183 6.60 -4.88 -1.69
N LEU A 184 7.59 -5.59 -2.25
CA LEU A 184 7.40 -6.38 -3.45
C LEU A 184 6.49 -7.58 -3.14
N ILE A 185 6.66 -8.15 -1.96
CA ILE A 185 5.90 -9.31 -1.50
C ILE A 185 4.42 -8.94 -1.35
N SER A 186 4.15 -7.83 -0.64
CA SER A 186 2.79 -7.37 -0.31
C SER A 186 2.00 -7.08 -1.60
N TYR A 187 2.66 -6.36 -2.52
CA TYR A 187 2.12 -6.01 -3.81
C TYR A 187 1.90 -7.28 -4.65
N ARG A 188 2.80 -8.26 -4.55
CA ARG A 188 2.63 -9.53 -5.30
C ARG A 188 1.39 -10.28 -4.78
N SER A 189 1.17 -10.29 -3.47
CA SER A 189 0.00 -10.93 -2.85
C SER A 189 -1.31 -10.24 -3.29
N TYR A 190 -1.30 -8.91 -3.37
CA TYR A 190 -2.46 -8.10 -3.76
C TYR A 190 -2.78 -8.25 -5.26
N TRP A 191 -1.73 -8.13 -6.10
CA TRP A 191 -1.85 -8.27 -7.54
C TRP A 191 -2.40 -9.65 -7.86
N LYS A 192 -1.88 -10.67 -7.20
CA LYS A 192 -2.37 -12.02 -7.36
C LYS A 192 -3.87 -12.04 -7.06
N GLU A 193 -4.25 -11.54 -5.89
CA GLU A 193 -5.62 -11.59 -5.43
C GLU A 193 -6.52 -10.91 -6.47
N VAL A 194 -6.18 -9.69 -6.92
CA VAL A 194 -7.10 -8.96 -7.77
C VAL A 194 -7.14 -9.59 -9.18
N LEU A 195 -6.01 -10.13 -9.66
CA LEU A 195 -5.98 -10.73 -10.97
C LEU A 195 -6.88 -11.98 -10.99
N LEU A 196 -6.75 -12.86 -9.98
CA LEU A 196 -7.56 -14.08 -9.92
C LEU A 196 -9.05 -13.76 -9.71
N ARG A 197 -9.36 -12.72 -8.92
CA ARG A 197 -10.73 -12.27 -8.72
C ARG A 197 -11.34 -11.87 -10.06
N TYR A 198 -10.57 -11.10 -10.85
CA TYR A 198 -11.04 -10.63 -12.14
C TYR A 198 -11.36 -11.84 -13.03
N LEU A 199 -10.43 -12.79 -13.10
CA LEU A 199 -10.54 -13.88 -14.01
C LEU A 199 -11.64 -14.84 -13.55
N HIS A 200 -11.91 -14.89 -12.24
CA HIS A 200 -12.99 -15.70 -11.69
C HIS A 200 -14.36 -15.15 -12.11
N ASN A 201 -14.50 -13.82 -12.13
CA ASN A 201 -15.78 -13.14 -12.40
C ASN A 201 -16.03 -13.02 -13.91
N PHE A 202 -14.94 -13.01 -14.69
CA PHE A 202 -14.97 -12.75 -16.12
C PHE A 202 -15.41 -14.00 -16.89
N GLN A 203 -16.38 -13.81 -17.79
CA GLN A 203 -17.04 -14.90 -18.51
C GLN A 203 -16.50 -15.01 -19.95
N GLY A 204 -16.05 -13.88 -20.52
CA GLY A 204 -15.61 -13.80 -21.91
C GLY A 204 -14.55 -14.83 -22.28
N LYS A 205 -14.23 -14.87 -23.57
CA LYS A 205 -13.39 -15.87 -24.16
C LYS A 205 -11.96 -15.34 -24.27
N GLU A 206 -11.80 -14.01 -24.19
CA GLU A 206 -10.51 -13.37 -24.25
C GLU A 206 -10.57 -12.00 -23.58
N ILE A 207 -9.42 -11.52 -23.10
CA ILE A 207 -9.23 -10.16 -22.53
C ILE A 207 -7.88 -9.61 -22.97
N SER A 208 -7.82 -8.28 -23.04
CA SER A 208 -6.58 -7.57 -23.15
C SER A 208 -6.09 -7.22 -21.74
N ILE A 209 -4.76 -7.22 -21.57
CA ILE A 209 -4.09 -6.67 -20.39
C ILE A 209 -4.69 -5.30 -20.10
N LYS A 210 -4.88 -4.49 -21.15
CA LYS A 210 -5.46 -3.16 -21.05
C LYS A 210 -6.77 -3.19 -20.26
N GLU A 211 -7.69 -4.10 -20.61
CA GLU A 211 -9.01 -4.18 -20.01
C GLU A 211 -8.90 -4.45 -18.50
N ILE A 212 -7.98 -5.33 -18.12
CA ILE A 212 -7.75 -5.69 -16.73
C ILE A 212 -7.24 -4.46 -15.97
N SER A 213 -6.30 -3.75 -16.58
CA SER A 213 -5.71 -2.57 -16.03
C SER A 213 -6.80 -1.49 -15.81
N GLN A 214 -7.69 -1.34 -16.78
CA GLN A 214 -8.79 -0.39 -16.72
C GLN A 214 -9.70 -0.69 -15.52
N GLU A 215 -10.01 -1.98 -15.30
CA GLU A 215 -10.90 -2.39 -14.21
C GLU A 215 -10.22 -2.19 -12.85
N THR A 216 -8.99 -2.70 -12.70
CA THR A 216 -8.29 -2.81 -11.42
C THR A 216 -7.49 -1.55 -11.07
N ALA A 217 -7.23 -0.69 -12.06
CA ALA A 217 -6.32 0.47 -11.92
C ALA A 217 -4.85 0.04 -11.80
N VAL A 218 -4.58 -1.27 -11.90
CA VAL A 218 -3.26 -1.83 -11.81
C VAL A 218 -2.56 -1.67 -13.18
N ASN A 219 -1.24 -1.47 -13.12
CA ASN A 219 -0.45 -1.07 -14.28
C ASN A 219 -0.22 -2.30 -15.17
N PRO A 220 -0.34 -2.17 -16.50
CA PRO A 220 -0.19 -3.31 -17.42
C PRO A 220 1.03 -4.19 -17.16
N VAL A 221 2.18 -3.54 -16.94
CA VAL A 221 3.43 -4.23 -16.68
C VAL A 221 3.29 -5.10 -15.43
N ASP A 222 2.64 -4.56 -14.38
CA ASP A 222 2.45 -5.26 -13.10
C ASP A 222 1.51 -6.49 -13.30
N ILE A 223 0.49 -6.33 -14.15
CA ILE A 223 -0.41 -7.46 -14.49
C ILE A 223 0.39 -8.57 -15.21
N VAL A 224 1.07 -8.21 -16.31
CA VAL A 224 1.90 -9.19 -17.04
C VAL A 224 2.90 -9.85 -16.07
N SER A 225 3.52 -9.02 -15.23
CA SER A 225 4.50 -9.49 -14.29
C SER A 225 3.88 -10.56 -13.39
N THR A 226 2.65 -10.31 -12.89
CA THR A 226 1.89 -11.24 -12.03
C THR A 226 1.50 -12.50 -12.82
N LEU A 227 0.93 -12.32 -14.01
CA LEU A 227 0.59 -13.51 -14.86
C LEU A 227 1.81 -14.44 -14.97
N GLN A 228 3.00 -13.85 -15.20
CA GLN A 228 4.25 -14.62 -15.30
C GLN A 228 4.56 -15.27 -13.95
N ALA A 229 4.46 -14.50 -12.87
CA ALA A 229 4.67 -15.01 -11.53
C ALA A 229 3.81 -16.25 -11.25
N LEU A 230 2.56 -16.28 -11.74
CA LEU A 230 1.65 -17.41 -11.49
C LEU A 230 1.77 -18.48 -12.61
N GLN A 231 2.64 -18.23 -13.59
CA GLN A 231 2.87 -19.12 -14.73
C GLN A 231 1.56 -19.36 -15.48
N MET A 232 0.87 -18.25 -15.77
CA MET A 232 -0.43 -18.26 -16.45
C MET A 232 -0.32 -17.66 -17.85
N LEU A 233 0.86 -17.15 -18.23
CA LEU A 233 1.14 -16.83 -19.63
C LEU A 233 1.78 -18.04 -20.31
N LYS A 234 1.24 -18.43 -21.47
CA LYS A 234 1.74 -19.56 -22.25
C LYS A 234 1.96 -19.11 -23.71
N TYR A 235 2.52 -20.03 -24.51
CA TYR A 235 2.71 -19.82 -25.94
C TYR A 235 2.45 -21.14 -26.67
N TRP A 236 1.25 -21.30 -27.22
CA TRP A 236 0.83 -22.50 -27.93
C TRP A 236 0.30 -22.12 -29.31
N LYS A 237 0.99 -22.62 -30.35
CA LYS A 237 0.66 -22.41 -31.77
C LYS A 237 0.75 -20.92 -32.15
N GLY A 238 1.84 -20.26 -31.70
CA GLY A 238 2.24 -18.96 -32.23
C GLY A 238 1.56 -17.77 -31.58
N LYS A 239 0.71 -18.01 -30.57
CA LYS A 239 -0.04 -16.92 -29.89
C LYS A 239 0.09 -17.08 -28.36
N HIS A 240 -0.10 -15.98 -27.62
CA HIS A 240 -0.08 -16.00 -26.15
C HIS A 240 -1.47 -16.24 -25.59
N LEU A 241 -1.58 -17.16 -24.64
CA LEU A 241 -2.82 -17.55 -24.01
C LEU A 241 -2.69 -17.33 -22.50
N VAL A 242 -3.79 -16.88 -21.88
CA VAL A 242 -3.90 -16.83 -20.46
C VAL A 242 -4.42 -18.20 -20.04
N LEU A 243 -3.68 -18.88 -19.17
CA LEU A 243 -4.01 -20.21 -18.75
C LEU A 243 -4.56 -20.14 -17.32
N LYS A 244 -5.87 -20.39 -17.17
CA LYS A 244 -6.48 -20.41 -15.85
C LYS A 244 -6.08 -21.71 -15.15
N ARG A 245 -5.19 -21.61 -14.16
CA ARG A 245 -4.72 -22.77 -13.39
C ARG A 245 -5.78 -23.12 -12.34
N GLN A 246 -6.17 -24.41 -12.32
CA GLN A 246 -7.27 -24.89 -11.49
C GLN A 246 -6.86 -24.88 -10.02
N ASP A 247 -5.61 -25.27 -9.76
CA ASP A 247 -5.01 -25.20 -8.42
C ASP A 247 -5.10 -23.78 -7.86
N LEU A 248 -4.79 -22.79 -8.70
CA LEU A 248 -4.81 -21.38 -8.29
C LEU A 248 -6.25 -20.92 -8.09
N ILE A 249 -7.16 -21.42 -8.94
CA ILE A 249 -8.58 -21.10 -8.85
C ILE A 249 -9.12 -21.59 -7.50
N ASP A 250 -8.88 -22.88 -7.22
CA ASP A 250 -9.35 -23.54 -6.02
C ASP A 250 -8.74 -22.88 -4.77
N GLU A 251 -7.47 -22.48 -4.88
CA GLU A 251 -6.72 -21.85 -3.78
C GLU A 251 -7.37 -20.50 -3.42
N TRP A 252 -7.77 -19.75 -4.44
CA TRP A 252 -8.30 -18.39 -4.27
C TRP A 252 -9.67 -18.42 -3.58
N ILE A 253 -10.61 -19.22 -4.12
CA ILE A 253 -11.96 -19.36 -3.54
C ILE A 253 -11.85 -19.76 -2.06
N ALA A 254 -10.82 -20.55 -1.73
CA ALA A 254 -10.51 -20.95 -0.35
C ALA A 254 -10.02 -19.74 0.47
N LYS A 255 -9.06 -19.01 -0.09
CA LYS A 255 -8.51 -17.80 0.52
C LYS A 255 -9.57 -16.70 0.58
N GLU A 256 -10.55 -16.75 -0.33
CA GLU A 256 -11.60 -15.73 -0.42
C GLU A 256 -12.82 -16.14 0.41
N ALA A 257 -12.81 -17.35 0.98
CA ALA A 257 -13.89 -17.82 1.84
C ALA A 257 -13.64 -17.32 3.27
N LYS A 258 -12.36 -17.10 3.59
CA LYS A 258 -11.90 -16.61 4.89
C LYS A 258 -11.75 -15.08 4.87
N ARG A 259 -11.93 -14.48 3.68
CA ARG A 259 -11.81 -13.03 3.50
C ARG A 259 -13.13 -12.34 3.87
N SER A 260 -14.22 -13.11 3.96
CA SER A 260 -15.55 -12.61 4.29
C SER A 260 -15.66 -12.35 5.80
N ASN A 261 -15.11 -13.26 6.61
CA ASN A 261 -15.18 -13.20 8.07
C ASN A 261 -13.95 -12.49 8.64
N SER A 262 -13.12 -11.90 7.77
CA SER A 262 -11.85 -11.30 8.18
C SER A 262 -12.06 -9.90 8.77
N ASN A 263 -12.85 -9.07 8.06
CA ASN A 263 -13.14 -7.64 8.33
C ASN A 263 -11.98 -6.74 7.86
N LYS A 264 -10.86 -7.36 7.43
CA LYS A 264 -9.71 -6.67 6.89
C LYS A 264 -9.91 -6.36 5.40
N THR A 265 -10.92 -5.56 5.11
CA THR A 265 -11.33 -5.24 3.75
C THR A 265 -11.64 -3.74 3.64
N MET A 266 -11.14 -3.10 2.57
CA MET A 266 -11.58 -1.75 2.23
C MET A 266 -12.85 -1.85 1.35
N ASP A 267 -13.87 -1.09 1.77
CA ASP A 267 -15.23 -1.10 1.25
C ASP A 267 -15.39 0.18 0.45
N PRO A 268 -15.45 0.13 -0.90
CA PRO A 268 -15.58 1.34 -1.72
C PRO A 268 -16.75 2.26 -1.33
N SER A 269 -17.85 1.69 -0.83
CA SER A 269 -19.03 2.52 -0.40
C SER A 269 -18.73 3.34 0.86
N CYS A 270 -17.60 3.10 1.53
CA CYS A 270 -17.28 3.85 2.76
C CYS A 270 -16.28 4.98 2.47
N LEU A 271 -15.99 5.22 1.19
CA LEU A 271 -15.13 6.34 0.76
C LEU A 271 -16.00 7.57 0.53
N LYS A 272 -15.51 8.74 0.96
CA LYS A 272 -16.13 10.00 0.70
C LYS A 272 -15.03 10.96 0.24
N TRP A 273 -14.83 11.06 -1.08
CA TRP A 273 -13.67 11.73 -1.62
C TRP A 273 -13.91 12.23 -3.04
N THR A 274 -13.26 13.37 -3.32
CA THR A 274 -13.06 13.88 -4.66
C THR A 274 -11.62 14.40 -4.75
N PRO A 275 -10.92 14.18 -5.89
CA PRO A 275 -9.53 14.66 -6.03
C PRO A 275 -9.30 16.09 -5.52
N GLY B 10 3.42 -0.46 -26.85
CA GLY B 10 2.61 -1.11 -25.79
C GLY B 10 2.89 -2.60 -25.71
N MET B 11 4.17 -2.93 -25.52
CA MET B 11 4.66 -4.30 -25.54
C MET B 11 5.38 -4.61 -24.23
N VAL B 12 5.78 -5.88 -24.05
CA VAL B 12 6.49 -6.35 -22.88
C VAL B 12 7.33 -7.55 -23.31
N GLU B 13 8.47 -7.77 -22.62
CA GLU B 13 9.33 -8.92 -22.89
C GLU B 13 9.36 -9.86 -21.67
N ILE B 14 9.24 -11.17 -21.92
CA ILE B 14 9.11 -12.22 -20.89
C ILE B 14 9.70 -13.53 -21.43
N GLU B 15 10.27 -14.32 -20.51
CA GLU B 15 10.79 -15.66 -20.80
C GLU B 15 9.83 -16.70 -20.21
N ILE B 16 9.17 -17.46 -21.11
CA ILE B 16 8.28 -18.59 -20.79
C ILE B 16 8.95 -19.88 -21.25
N GLU B 17 9.29 -20.74 -20.27
CA GLU B 17 9.84 -22.08 -20.47
C GLU B 17 10.89 -22.04 -21.58
N GLY B 18 11.94 -21.22 -21.38
CA GLY B 18 13.17 -21.28 -22.18
C GLY B 18 13.15 -20.40 -23.42
N ARG B 19 11.95 -20.01 -23.87
CA ARG B 19 11.76 -19.14 -25.03
C ARG B 19 11.69 -17.70 -24.53
N LEU B 20 11.80 -16.73 -25.45
CA LEU B 20 11.58 -15.32 -25.13
C LEU B 20 10.48 -14.76 -26.05
N HIS B 21 9.57 -13.97 -25.46
CA HIS B 21 8.32 -13.54 -26.09
C HIS B 21 8.10 -12.03 -25.91
N ARG B 22 7.32 -11.46 -26.85
CA ARG B 22 6.85 -10.06 -26.88
C ARG B 22 5.32 -10.05 -26.90
N ILE B 23 4.69 -9.33 -25.96
CA ILE B 23 3.24 -9.41 -25.72
C ILE B 23 2.63 -8.01 -25.76
N SER B 24 1.56 -7.86 -26.55
CA SER B 24 0.82 -6.63 -26.65
C SER B 24 -0.15 -6.51 -25.46
N ILE B 25 -0.40 -5.27 -25.08
CA ILE B 25 -1.29 -4.83 -24.02
C ILE B 25 -2.71 -4.71 -24.56
N PHE B 26 -2.84 -4.43 -25.86
CA PHE B 26 -4.12 -4.09 -26.46
C PHE B 26 -4.76 -5.33 -27.09
N ASP B 27 -3.94 -6.29 -27.52
CA ASP B 27 -4.43 -7.47 -28.18
C ASP B 27 -5.12 -8.37 -27.17
N PRO B 28 -6.39 -8.77 -27.45
CA PRO B 28 -7.04 -9.83 -26.69
C PRO B 28 -6.25 -11.15 -26.76
N LEU B 29 -6.08 -11.79 -25.60
CA LEU B 29 -5.47 -13.08 -25.44
C LEU B 29 -6.56 -14.07 -25.03
N GLU B 30 -6.48 -15.29 -25.57
CA GLU B 30 -7.46 -16.33 -25.32
C GLU B 30 -7.24 -16.90 -23.91
N ILE B 31 -8.34 -17.19 -23.20
CA ILE B 31 -8.32 -17.85 -21.89
C ILE B 31 -8.61 -19.36 -22.07
N ILE B 32 -7.64 -20.20 -21.69
CA ILE B 32 -7.75 -21.67 -21.73
C ILE B 32 -8.01 -22.18 -20.30
N LEU B 33 -8.68 -23.33 -20.17
CA LEU B 33 -9.01 -23.90 -18.85
C LEU B 33 -8.23 -25.21 -18.63
N GLU B 34 -6.94 -25.19 -19.01
CA GLU B 34 -5.95 -26.29 -18.84
C GLU B 34 -6.25 -27.50 -19.75
N ASP B 35 -6.00 -27.35 -21.06
CA ASP B 35 -6.25 -28.38 -22.10
C ASP B 35 -4.95 -28.69 -22.86
N ASP B 36 -5.02 -29.65 -23.79
CA ASP B 36 -3.88 -30.04 -24.66
C ASP B 36 -4.09 -29.48 -26.07
#